data_7AV0
#
_entry.id   7AV0
#
_cell.length_a   78.151
_cell.length_b   87.057
_cell.length_c   99.611
_cell.angle_alpha   90.000
_cell.angle_beta   90.000
_cell.angle_gamma   90.000
#
_symmetry.space_group_name_H-M   'P 21 21 21'
#
loop_
_entity.id
_entity.type
_entity.pdbx_description
1 polymer 'Leukotriene A-4 hydrolase'
2 non-polymer 'ZINC ION'
3 non-polymer 'ACETATE ION'
4 non-polymer 'YTTERBIUM (III) ION'
5 non-polymer IMIDAZOLE
6 non-polymer '(3~{R})-3-azanyl-4-[5-[4-(4-chloranylphenoxy)phenyl]-1,2,3,4-tetrazol-2-yl]butanoic acid'
7 water water
#
_entity_poly.entity_id   1
_entity_poly.type   'polypeptide(L)'
_entity_poly.pdbx_seq_one_letter_code
;GPGPEIVDTCSLASPASVCRTKHLHLRCSVDFTRRTLTGTAALTVQSQEDNLRSLVLDTKDLTIEKVVINGQEVKYALGE
RQSYKGSPMEISLPIALSKNQEIVIEISFETSPKSSALQWLTPEQTSGKEHPYLFSQCQAIHCRAILPCQDTPSVKLTYT
AEVSVPKELVALMSAIRDGETPDPEDPSRKIYKFIQKVPIPCYLIALVVGALESRQIGPRTLVWSEKEQVEKSAYEFSET
ESMLKIAEDLGGPYVWGQYDLLVLPPSFPYGGMENPCLTFVTPTLLAGDKSLSNVIAHEISHSWTGNLVTNKTWDHFWLN
EGHTVYLERHICGRLFGEKFRHFNALGGWGELQNSVKTFGETHPFTKLVVDLTDIDPDVAYSSVPYEKGFALLFYLEQLL
GGPEIFLGFLKAYVEKFSYKSITTDDWKDFLYSYFKDKVDVLNQVDWNAWLYSPGLPPIKPNYDMTLTNACIALSQRWIT
AKEDDLNSFNATDLKDLSSHQLNEFLAQTLQRAPLPLGHIKRMQEVYNFNAINNSEIRFRWLRLCIQSKWEDAIPLALKM
ATEQGRMKFTRPLFKDLAAFDKSHDQAVRTYQEHKASMHPVTAMLVGKDLKVD
;
_entity_poly.pdbx_strand_id   A
#
loop_
_chem_comp.id
_chem_comp.type
_chem_comp.name
_chem_comp.formula
ACT non-polymer 'ACETATE ION' 'C2 H3 O2 -1'
IMD non-polymer IMIDAZOLE 'C3 H5 N2 1'
RZB non-polymer '(3~{R})-3-azanyl-4-[5-[4-(4-chloranylphenoxy)phenyl]-1,2,3,4-tetrazol-2-yl]butanoic acid' 'C17 H16 Cl N5 O3'
YB non-polymer 'YTTERBIUM (III) ION' 'Yb 3'
ZN non-polymer 'ZINC ION' 'Zn 2'
#
# COMPACT_ATOMS: atom_id res chain seq x y z
N VAL A 7 -5.28 14.62 -17.61
CA VAL A 7 -4.60 13.60 -18.39
C VAL A 7 -3.81 12.64 -17.49
N ASP A 8 -3.92 11.30 -17.72
CA ASP A 8 -3.14 10.36 -16.90
C ASP A 8 -1.78 10.13 -17.56
N THR A 9 -0.75 10.84 -17.06
CA THR A 9 0.60 10.77 -17.62
C THR A 9 1.34 9.45 -17.37
N CYS A 10 0.81 8.58 -16.51
CA CYS A 10 1.40 7.25 -16.22
C CYS A 10 0.87 6.16 -17.15
N SER A 11 -0.16 6.44 -17.94
CA SER A 11 -0.77 5.46 -18.83
C SER A 11 -0.54 5.75 -20.31
N LEU A 12 -0.36 4.70 -21.12
CA LEU A 12 -0.18 4.85 -22.55
C LEU A 12 -1.47 4.44 -23.28
N ALA A 13 -2.49 3.99 -22.50
CA ALA A 13 -3.76 3.55 -23.06
C ALA A 13 -4.66 4.70 -23.53
N SER A 14 -5.69 4.37 -24.34
CA SER A 14 -6.69 5.35 -24.73
C SER A 14 -7.30 5.87 -23.43
N PRO A 15 -7.50 7.19 -23.30
CA PRO A 15 -8.11 7.70 -22.05
C PRO A 15 -9.62 7.41 -21.94
N ALA A 16 -10.20 7.62 -20.72
CA ALA A 16 -11.62 7.42 -20.43
C ALA A 16 -12.56 8.26 -21.33
N SER A 17 -12.06 9.37 -21.90
CA SER A 17 -12.82 10.24 -22.81
C SER A 17 -13.02 9.59 -24.21
N VAL A 18 -12.22 8.55 -24.54
CA VAL A 18 -12.23 7.83 -25.83
C VAL A 18 -13.03 6.52 -25.71
N CYS A 19 -12.67 5.69 -24.72
CA CYS A 19 -13.35 4.43 -24.46
C CYS A 19 -13.14 4.05 -23.01
N ARG A 20 -14.06 3.25 -22.46
CA ARG A 20 -13.98 2.82 -21.06
C ARG A 20 -14.22 1.35 -20.94
N THR A 21 -13.34 0.66 -20.21
CA THR A 21 -13.53 -0.75 -19.92
C THR A 21 -14.62 -0.84 -18.82
N LYS A 22 -15.67 -1.62 -19.08
CA LYS A 22 -16.79 -1.83 -18.14
C LYS A 22 -16.62 -3.14 -17.36
N HIS A 23 -16.04 -4.15 -18.00
CA HIS A 23 -15.91 -5.47 -17.40
C HIS A 23 -14.72 -6.21 -17.93
N LEU A 24 -14.15 -7.05 -17.07
CA LEU A 24 -13.08 -7.96 -17.39
C LEU A 24 -13.50 -9.35 -17.00
N HIS A 25 -13.39 -10.27 -17.93
CA HIS A 25 -13.58 -11.68 -17.65
C HIS A 25 -12.24 -12.33 -17.93
N LEU A 26 -11.57 -12.74 -16.85
CA LEU A 26 -10.24 -13.34 -16.88
C LEU A 26 -10.29 -14.85 -16.74
N ARG A 27 -9.69 -15.57 -17.70
CA ARG A 27 -9.59 -17.03 -17.62
C ARG A 27 -8.12 -17.34 -17.72
N CYS A 28 -7.50 -17.78 -16.61
CA CYS A 28 -6.06 -18.02 -16.65
C CYS A 28 -5.61 -19.26 -15.88
N SER A 29 -4.39 -19.71 -16.19
CA SER A 29 -3.75 -20.84 -15.54
C SER A 29 -2.40 -20.37 -15.00
N VAL A 30 -2.13 -20.73 -13.75
CA VAL A 30 -0.89 -20.35 -13.06
C VAL A 30 0.09 -21.49 -13.25
N ASP A 31 1.13 -21.27 -14.05
CA ASP A 31 2.16 -22.28 -14.32
C ASP A 31 3.39 -22.00 -13.44
N PHE A 32 3.53 -22.74 -12.32
CA PHE A 32 4.68 -22.58 -11.44
C PHE A 32 6.02 -23.04 -12.02
N THR A 33 6.00 -23.93 -13.01
CA THR A 33 7.25 -24.43 -13.63
C THR A 33 7.87 -23.37 -14.54
N ARG A 34 7.02 -22.67 -15.29
CA ARG A 34 7.47 -21.63 -16.21
C ARG A 34 7.44 -20.22 -15.57
N ARG A 35 6.81 -20.07 -14.38
CA ARG A 35 6.59 -18.80 -13.66
C ARG A 35 5.80 -17.85 -14.59
N THR A 36 4.72 -18.39 -15.18
CA THR A 36 3.86 -17.62 -16.08
C THR A 36 2.40 -17.75 -15.70
N LEU A 37 1.65 -16.69 -15.97
CA LEU A 37 0.19 -16.65 -15.87
C LEU A 37 -0.19 -16.62 -17.38
N THR A 38 -0.95 -17.63 -17.84
CA THR A 38 -1.36 -17.71 -19.25
C THR A 38 -2.84 -17.81 -19.37
N GLY A 39 -3.41 -17.08 -20.32
CA GLY A 39 -4.84 -17.17 -20.54
C GLY A 39 -5.40 -16.08 -21.42
N THR A 40 -6.68 -15.77 -21.18
CA THR A 40 -7.41 -14.75 -21.93
C THR A 40 -7.99 -13.70 -21.01
N ALA A 41 -7.94 -12.45 -21.46
CA ALA A 41 -8.51 -11.32 -20.77
C ALA A 41 -9.56 -10.81 -21.72
N ALA A 42 -10.83 -11.00 -21.37
CA ALA A 42 -11.92 -10.55 -22.22
C ALA A 42 -12.43 -9.24 -21.64
N LEU A 43 -12.15 -8.14 -22.35
CA LEU A 43 -12.55 -6.79 -21.92
C LEU A 43 -13.81 -6.32 -22.61
N THR A 44 -14.84 -5.96 -21.85
CA THR A 44 -16.04 -5.33 -22.39
C THR A 44 -15.73 -3.83 -22.41
N VAL A 45 -15.59 -3.26 -23.60
CA VAL A 45 -15.20 -1.85 -23.77
C VAL A 45 -16.37 -1.09 -24.35
N GLN A 46 -16.61 0.11 -23.82
CA GLN A 46 -17.65 1.00 -24.30
C GLN A 46 -17.01 2.19 -24.98
N SER A 47 -17.37 2.46 -26.23
CA SER A 47 -16.85 3.63 -26.92
C SER A 47 -17.45 4.91 -26.32
N GLN A 48 -16.65 5.97 -26.20
CA GLN A 48 -17.14 7.27 -25.72
C GLN A 48 -17.14 8.23 -26.88
N GLU A 49 -16.90 7.73 -28.11
CA GLU A 49 -16.78 8.58 -29.28
C GLU A 49 -17.51 8.00 -30.47
N ASP A 50 -17.86 8.87 -31.41
CA ASP A 50 -18.42 8.44 -32.67
C ASP A 50 -17.30 7.88 -33.56
N ASN A 51 -17.64 6.88 -34.40
CA ASN A 51 -16.73 6.30 -35.39
C ASN A 51 -15.37 5.85 -34.79
N LEU A 52 -15.40 5.11 -33.68
CA LEU A 52 -14.17 4.62 -33.03
C LEU A 52 -13.69 3.39 -33.79
N ARG A 53 -12.44 3.41 -34.27
CA ARG A 53 -11.88 2.34 -35.12
C ARG A 53 -10.69 1.62 -34.54
N SER A 54 -10.11 2.18 -33.49
CA SER A 54 -8.97 1.59 -32.82
C SER A 54 -8.91 2.06 -31.38
N LEU A 55 -8.18 1.30 -30.56
CA LEU A 55 -7.97 1.68 -29.17
C LEU A 55 -6.62 1.22 -28.71
N VAL A 56 -6.10 1.86 -27.68
CA VAL A 56 -4.76 1.51 -27.20
C VAL A 56 -4.87 1.03 -25.77
N LEU A 57 -4.13 -0.04 -25.44
CA LEU A 57 -4.06 -0.60 -24.09
C LEU A 57 -2.65 -0.57 -23.56
N ASP A 58 -2.52 -0.59 -22.23
CA ASP A 58 -1.24 -0.68 -21.55
C ASP A 58 -0.83 -2.17 -21.43
N THR A 59 0.45 -2.46 -21.64
CA THR A 59 1.02 -3.80 -21.45
C THR A 59 2.43 -3.58 -20.89
N LYS A 60 3.00 -4.56 -20.19
CA LYS A 60 4.39 -4.45 -19.72
C LYS A 60 4.94 -5.85 -19.64
N ASP A 61 5.87 -6.18 -20.56
CA ASP A 61 6.55 -7.49 -20.61
C ASP A 61 5.53 -8.63 -20.84
N LEU A 62 4.50 -8.37 -21.64
CA LEU A 62 3.49 -9.37 -21.95
C LEU A 62 3.73 -9.94 -23.30
N THR A 63 3.48 -11.25 -23.45
CA THR A 63 3.56 -11.91 -24.75
C THR A 63 2.10 -12.00 -25.20
N ILE A 64 1.78 -11.47 -26.40
CA ILE A 64 0.41 -11.52 -26.91
C ILE A 64 0.37 -12.60 -27.97
N GLU A 65 -0.60 -13.51 -27.86
CA GLU A 65 -0.77 -14.59 -28.83
C GLU A 65 -1.69 -14.12 -29.96
N LYS A 66 -2.85 -13.56 -29.58
CA LYS A 66 -3.87 -13.10 -30.54
C LYS A 66 -4.91 -12.25 -29.84
N VAL A 67 -5.69 -11.52 -30.66
CA VAL A 67 -6.79 -10.65 -30.23
C VAL A 67 -8.00 -11.05 -31.03
N VAL A 68 -9.06 -11.48 -30.34
CA VAL A 68 -10.27 -11.95 -30.99
C VAL A 68 -11.45 -11.04 -30.67
N ILE A 69 -12.14 -10.58 -31.73
CA ILE A 69 -13.37 -9.77 -31.61
C ILE A 69 -14.38 -10.39 -32.56
N ASN A 70 -15.61 -10.66 -32.08
CA ASN A 70 -16.67 -11.28 -32.89
C ASN A 70 -16.23 -12.64 -33.49
N GLY A 71 -15.44 -13.40 -32.73
CA GLY A 71 -14.98 -14.73 -33.15
C GLY A 71 -13.89 -14.74 -34.23
N GLN A 72 -13.39 -13.56 -34.63
CA GLN A 72 -12.31 -13.49 -35.62
C GLN A 72 -11.09 -12.75 -35.08
N GLU A 73 -9.88 -13.17 -35.53
CA GLU A 73 -8.63 -12.54 -35.12
C GLU A 73 -8.47 -11.18 -35.75
N VAL A 74 -8.00 -10.21 -34.99
CA VAL A 74 -7.84 -8.86 -35.50
C VAL A 74 -6.40 -8.41 -35.46
N LYS A 75 -6.10 -7.33 -36.20
CA LYS A 75 -4.77 -6.74 -36.23
C LYS A 75 -4.50 -5.92 -34.97
N TYR A 76 -3.29 -6.06 -34.44
CA TYR A 76 -2.85 -5.30 -33.28
C TYR A 76 -1.37 -5.03 -33.48
N ALA A 77 -0.83 -4.04 -32.79
CA ALA A 77 0.59 -3.71 -32.88
C ALA A 77 1.07 -3.24 -31.54
N LEU A 78 2.27 -3.70 -31.16
CA LEU A 78 2.91 -3.31 -29.93
C LEU A 78 3.92 -2.22 -30.25
N GLY A 79 3.79 -1.09 -29.58
CA GLY A 79 4.71 0.03 -29.77
C GLY A 79 6.01 -0.24 -29.04
N GLU A 80 6.99 0.66 -29.25
CA GLU A 80 8.31 0.63 -28.60
C GLU A 80 8.12 0.76 -27.07
N ARG A 81 8.97 0.07 -26.29
CA ARG A 81 8.88 0.15 -24.83
C ARG A 81 9.24 1.57 -24.34
N GLN A 82 8.47 2.06 -23.37
CA GLN A 82 8.65 3.37 -22.76
C GLN A 82 9.02 3.18 -21.30
N SER A 83 10.20 2.56 -21.07
CA SER A 83 10.76 2.30 -19.75
C SER A 83 9.71 1.63 -18.82
N TYR A 84 9.54 2.15 -17.59
CA TYR A 84 8.62 1.66 -16.56
C TYR A 84 7.13 1.69 -17.01
N LYS A 85 6.78 2.48 -18.04
CA LYS A 85 5.40 2.52 -18.53
C LYS A 85 5.00 1.31 -19.34
N GLY A 86 5.99 0.59 -19.86
CA GLY A 86 5.73 -0.57 -20.70
C GLY A 86 5.54 -0.20 -22.15
N SER A 87 4.85 -1.06 -22.90
CA SER A 87 4.64 -0.88 -24.34
C SER A 87 3.17 -0.68 -24.66
N PRO A 88 2.81 0.29 -25.52
CA PRO A 88 1.39 0.46 -25.87
C PRO A 88 0.94 -0.60 -26.87
N MET A 89 -0.29 -1.06 -26.71
CA MET A 89 -0.87 -2.06 -27.58
C MET A 89 -2.07 -1.45 -28.33
N GLU A 90 -1.90 -1.23 -29.64
CA GLU A 90 -2.94 -0.66 -30.45
C GLU A 90 -3.72 -1.79 -31.12
N ILE A 91 -5.06 -1.80 -30.94
CA ILE A 91 -5.93 -2.85 -31.50
C ILE A 91 -6.85 -2.25 -32.56
N SER A 92 -6.86 -2.80 -33.78
CA SER A 92 -7.71 -2.32 -34.87
C SER A 92 -9.06 -3.03 -34.77
N LEU A 93 -10.12 -2.26 -34.52
CA LEU A 93 -11.46 -2.79 -34.39
C LEU A 93 -12.00 -3.23 -35.75
N PRO A 94 -12.69 -4.40 -35.83
CA PRO A 94 -13.20 -4.86 -37.12
C PRO A 94 -14.31 -3.97 -37.71
N ILE A 95 -15.09 -3.31 -36.84
CA ILE A 95 -16.18 -2.41 -37.28
C ILE A 95 -16.14 -1.17 -36.42
N ALA A 96 -16.39 0.00 -37.04
CA ALA A 96 -16.39 1.27 -36.35
C ALA A 96 -17.53 1.30 -35.33
N LEU A 97 -17.25 1.80 -34.13
CA LEU A 97 -18.23 1.87 -33.04
C LEU A 97 -18.83 3.26 -32.90
N SER A 98 -20.13 3.31 -32.59
CA SER A 98 -20.86 4.54 -32.32
C SER A 98 -20.68 4.86 -30.83
N LYS A 99 -20.99 6.10 -30.40
CA LYS A 99 -20.88 6.47 -28.98
C LYS A 99 -21.81 5.58 -28.12
N ASN A 100 -21.27 5.05 -27.00
CA ASN A 100 -21.97 4.17 -26.05
C ASN A 100 -22.09 2.70 -26.50
N GLN A 101 -21.59 2.39 -27.73
CA GLN A 101 -21.56 1.02 -28.21
C GLN A 101 -20.52 0.22 -27.45
N GLU A 102 -20.88 -1.00 -27.08
CA GLU A 102 -20.01 -1.91 -26.32
C GLU A 102 -19.63 -3.12 -27.12
N ILE A 103 -18.36 -3.52 -27.01
CA ILE A 103 -17.89 -4.74 -27.68
C ILE A 103 -17.03 -5.54 -26.72
N VAL A 104 -16.87 -6.84 -26.99
CA VAL A 104 -16.00 -7.67 -26.15
C VAL A 104 -14.71 -7.95 -26.95
N ILE A 105 -13.55 -7.64 -26.33
CA ILE A 105 -12.21 -7.87 -26.88
C ILE A 105 -11.52 -8.95 -26.03
N GLU A 106 -11.25 -10.10 -26.64
CA GLU A 106 -10.60 -11.23 -25.98
C GLU A 106 -9.11 -11.33 -26.41
N ILE A 107 -8.21 -11.08 -25.46
CA ILE A 107 -6.77 -11.09 -25.68
C ILE A 107 -6.12 -12.33 -25.05
N SER A 108 -5.44 -13.14 -25.87
CA SER A 108 -4.72 -14.31 -25.40
C SER A 108 -3.31 -13.85 -25.10
N PHE A 109 -2.89 -14.03 -23.85
CA PHE A 109 -1.62 -13.50 -23.39
C PHE A 109 -0.89 -14.45 -22.45
N GLU A 110 0.36 -14.08 -22.15
CA GLU A 110 1.20 -14.75 -21.17
C GLU A 110 2.11 -13.72 -20.50
N THR A 111 2.31 -13.84 -19.20
CA THR A 111 3.16 -12.91 -18.47
C THR A 111 4.63 -13.32 -18.56
N SER A 112 5.52 -12.39 -18.26
CA SER A 112 6.95 -12.68 -18.15
C SER A 112 7.21 -13.17 -16.73
N PRO A 113 8.17 -14.10 -16.54
CA PRO A 113 8.56 -14.47 -15.16
C PRO A 113 9.08 -13.27 -14.36
N LYS A 114 9.55 -12.22 -15.07
CA LYS A 114 10.09 -10.99 -14.46
C LYS A 114 9.00 -9.89 -14.30
N SER A 115 7.71 -10.24 -14.48
CA SER A 115 6.58 -9.31 -14.30
C SER A 115 6.80 -8.51 -13.04
N SER A 116 6.74 -7.18 -13.16
CA SER A 116 6.93 -6.28 -12.01
C SER A 116 5.75 -6.32 -11.04
N ALA A 117 4.63 -6.97 -11.44
CA ALA A 117 3.44 -7.11 -10.60
C ALA A 117 3.50 -8.31 -9.69
N LEU A 118 4.35 -9.26 -10.03
CA LEU A 118 4.37 -10.55 -9.36
C LEU A 118 5.60 -10.96 -8.64
N GLN A 119 5.40 -11.74 -7.55
CA GLN A 119 6.50 -12.45 -6.91
C GLN A 119 6.18 -13.94 -6.89
N TRP A 120 7.08 -14.74 -7.48
CA TRP A 120 7.05 -16.20 -7.54
C TRP A 120 7.99 -16.69 -6.45
N LEU A 121 7.48 -17.49 -5.54
CA LEU A 121 8.25 -17.99 -4.39
C LEU A 121 8.44 -19.47 -4.52
N THR A 122 9.65 -19.95 -4.27
CA THR A 122 9.94 -21.38 -4.28
C THR A 122 9.42 -21.98 -2.95
N PRO A 123 9.26 -23.32 -2.81
CA PRO A 123 8.85 -23.88 -1.50
C PRO A 123 9.69 -23.42 -0.30
N GLU A 124 11.02 -23.30 -0.49
CA GLU A 124 11.95 -22.87 0.57
C GLU A 124 11.70 -21.46 1.11
N GLN A 125 11.04 -20.58 0.32
CA GLN A 125 10.73 -19.21 0.74
C GLN A 125 9.37 -19.10 1.46
N THR A 126 8.66 -20.23 1.63
CA THR A 126 7.33 -20.26 2.28
C THR A 126 7.47 -20.82 3.72
N SER A 127 6.38 -20.78 4.53
CA SER A 127 6.41 -21.32 5.90
C SER A 127 6.40 -22.85 5.90
N GLY A 128 5.63 -23.44 4.97
CA GLY A 128 5.43 -24.87 4.87
C GLY A 128 6.56 -25.68 4.27
N LYS A 129 7.36 -25.04 3.36
CA LYS A 129 8.52 -25.69 2.70
C LYS A 129 8.19 -26.79 1.68
N GLU A 130 6.90 -27.04 1.43
CA GLU A 130 6.48 -28.10 0.51
C GLU A 130 5.88 -27.58 -0.80
N HIS A 131 5.28 -26.40 -0.76
CA HIS A 131 4.61 -25.86 -1.94
C HIS A 131 5.11 -24.47 -2.34
N PRO A 132 5.04 -24.12 -3.64
CA PRO A 132 5.42 -22.76 -4.04
C PRO A 132 4.27 -21.80 -3.72
N TYR A 133 4.46 -20.52 -4.02
CA TYR A 133 3.48 -19.47 -3.72
C TYR A 133 3.62 -18.32 -4.73
N LEU A 134 2.53 -17.66 -5.02
CA LEU A 134 2.54 -16.53 -5.95
C LEU A 134 1.65 -15.46 -5.37
N PHE A 135 2.08 -14.19 -5.45
CA PHE A 135 1.21 -13.07 -5.11
C PHE A 135 1.46 -11.90 -6.05
N SER A 136 0.40 -11.12 -6.29
CA SER A 136 0.44 -9.91 -7.10
C SER A 136 0.42 -8.65 -6.23
N GLN A 137 0.85 -7.53 -6.81
CA GLN A 137 0.81 -6.20 -6.20
C GLN A 137 0.74 -5.22 -7.38
N CYS A 138 -0.49 -4.87 -7.80
CA CYS A 138 -0.71 -4.01 -8.97
C CYS A 138 -0.49 -2.54 -8.72
N GLN A 139 -0.70 -2.09 -7.46
CA GLN A 139 -0.54 -0.67 -7.18
C GLN A 139 0.93 -0.22 -7.40
N ALA A 140 1.16 0.87 -8.17
CA ALA A 140 0.19 1.76 -8.81
C ALA A 140 -0.12 1.33 -10.22
N ILE A 141 0.92 1.04 -11.01
CA ILE A 141 0.78 0.76 -12.44
C ILE A 141 1.39 -0.56 -12.88
N HIS A 142 1.18 -1.60 -12.08
CA HIS A 142 1.68 -2.92 -12.42
C HIS A 142 0.58 -3.86 -12.94
N CYS A 143 -0.70 -3.43 -12.94
CA CYS A 143 -1.71 -4.33 -13.55
C CYS A 143 -1.39 -4.64 -15.03
N ARG A 144 -0.78 -3.69 -15.76
CA ARG A 144 -0.36 -3.84 -17.16
C ARG A 144 0.73 -4.92 -17.32
N ALA A 145 1.41 -5.33 -16.22
CA ALA A 145 2.42 -6.38 -16.22
C ALA A 145 1.78 -7.76 -15.97
N ILE A 146 0.43 -7.79 -15.76
CA ILE A 146 -0.34 -9.03 -15.61
C ILE A 146 -1.21 -9.23 -16.84
N LEU A 147 -1.91 -8.17 -17.28
CA LEU A 147 -2.81 -8.30 -18.42
C LEU A 147 -2.97 -6.98 -19.18
N PRO A 148 -3.36 -7.03 -20.48
CA PRO A 148 -3.58 -5.76 -21.23
C PRO A 148 -4.82 -5.06 -20.68
N CYS A 149 -4.70 -3.77 -20.38
CA CYS A 149 -5.78 -3.00 -19.75
C CYS A 149 -5.56 -1.52 -19.94
N GLN A 150 -6.60 -0.71 -19.58
CA GLN A 150 -6.44 0.74 -19.52
C GLN A 150 -5.95 0.93 -18.09
N ASP A 151 -4.62 0.93 -17.92
CA ASP A 151 -4.02 0.96 -16.57
C ASP A 151 -4.00 2.33 -15.93
N THR A 152 -5.18 2.78 -15.53
CA THR A 152 -5.42 4.10 -14.99
C THR A 152 -6.55 4.03 -14.00
N PRO A 153 -6.42 4.71 -12.85
CA PRO A 153 -7.52 4.71 -11.88
C PRO A 153 -8.72 5.55 -12.30
N SER A 154 -8.65 6.24 -13.47
CA SER A 154 -9.76 7.05 -14.00
C SER A 154 -10.86 6.14 -14.62
N VAL A 155 -10.60 4.83 -14.74
CA VAL A 155 -11.51 3.84 -15.31
C VAL A 155 -11.86 2.81 -14.24
N LYS A 156 -13.15 2.53 -14.05
CA LYS A 156 -13.63 1.53 -13.09
C LYS A 156 -14.40 0.45 -13.78
N LEU A 157 -14.12 -0.79 -13.41
CA LEU A 157 -14.72 -1.94 -14.05
C LEU A 157 -15.05 -3.03 -13.05
N THR A 158 -16.02 -3.87 -13.40
CA THR A 158 -16.37 -5.05 -12.61
C THR A 158 -15.54 -6.19 -13.20
N TYR A 159 -15.41 -7.30 -12.49
CA TYR A 159 -14.69 -8.44 -13.05
C TYR A 159 -15.15 -9.79 -12.58
N THR A 160 -14.91 -10.79 -13.46
CA THR A 160 -15.11 -12.20 -13.13
C THR A 160 -13.82 -12.88 -13.53
N ALA A 161 -13.49 -13.98 -12.85
CA ALA A 161 -12.28 -14.72 -13.14
C ALA A 161 -12.41 -16.20 -12.83
N GLU A 162 -11.71 -17.02 -13.62
CA GLU A 162 -11.62 -18.47 -13.48
C GLU A 162 -10.12 -18.73 -13.52
N VAL A 163 -9.58 -19.23 -12.40
CA VAL A 163 -8.15 -19.42 -12.20
C VAL A 163 -7.79 -20.90 -11.99
N SER A 164 -7.02 -21.48 -12.92
CA SER A 164 -6.56 -22.87 -12.83
C SER A 164 -5.21 -22.94 -12.11
N VAL A 165 -5.15 -23.75 -11.07
CA VAL A 165 -3.95 -23.90 -10.23
C VAL A 165 -3.71 -25.39 -9.90
N PRO A 166 -2.48 -25.81 -9.50
CA PRO A 166 -2.30 -27.19 -9.02
C PRO A 166 -3.31 -27.46 -7.89
N LYS A 167 -4.02 -28.62 -7.95
CA LYS A 167 -5.10 -28.98 -7.01
C LYS A 167 -4.78 -28.90 -5.50
N GLU A 168 -3.50 -29.01 -5.13
CA GLU A 168 -3.08 -28.94 -3.73
C GLU A 168 -3.04 -27.49 -3.22
N LEU A 169 -3.19 -26.52 -4.14
CA LEU A 169 -3.14 -25.12 -3.79
C LEU A 169 -4.48 -24.44 -3.85
N VAL A 170 -4.53 -23.20 -3.31
CA VAL A 170 -5.75 -22.39 -3.21
C VAL A 170 -5.47 -21.05 -3.89
N ALA A 171 -6.41 -20.58 -4.72
CA ALA A 171 -6.35 -19.26 -5.35
C ALA A 171 -7.29 -18.34 -4.60
N LEU A 172 -6.87 -17.07 -4.36
CA LEU A 172 -7.73 -16.05 -3.82
C LEU A 172 -7.58 -14.79 -4.66
N MET A 173 -8.66 -14.01 -4.78
CA MET A 173 -8.62 -12.74 -5.50
C MET A 173 -9.31 -11.62 -4.73
N SER A 174 -9.22 -10.40 -5.26
CA SER A 174 -9.86 -9.21 -4.68
C SER A 174 -11.34 -9.22 -5.15
N ALA A 175 -12.08 -10.26 -4.72
CA ALA A 175 -13.43 -10.57 -5.19
C ALA A 175 -14.10 -11.59 -4.26
N ILE A 176 -15.40 -11.85 -4.50
CA ILE A 176 -16.12 -12.85 -3.74
C ILE A 176 -15.82 -14.22 -4.36
N ARG A 177 -15.54 -15.23 -3.53
CA ARG A 177 -15.25 -16.60 -3.97
C ARG A 177 -16.55 -17.14 -4.54
N ASP A 178 -16.48 -17.69 -5.75
CA ASP A 178 -17.65 -18.14 -6.49
C ASP A 178 -17.60 -19.64 -6.84
N GLY A 179 -16.94 -20.42 -5.99
CA GLY A 179 -16.86 -21.87 -6.16
C GLY A 179 -15.52 -22.39 -6.65
N GLU A 180 -15.39 -23.69 -6.66
CA GLU A 180 -14.19 -24.41 -7.10
C GLU A 180 -14.63 -25.73 -7.73
N THR A 181 -13.90 -26.18 -8.73
CA THR A 181 -14.19 -27.44 -9.40
C THR A 181 -12.88 -28.05 -9.86
N PRO A 182 -12.80 -29.39 -10.11
CA PRO A 182 -11.57 -29.92 -10.71
C PRO A 182 -11.48 -29.34 -12.13
N ASP A 183 -10.28 -29.15 -12.68
CA ASP A 183 -10.11 -28.60 -14.01
C ASP A 183 -10.54 -29.64 -15.06
N PRO A 184 -11.51 -29.33 -15.98
CA PRO A 184 -11.91 -30.33 -16.99
C PRO A 184 -10.82 -30.71 -17.98
N GLU A 185 -9.80 -29.85 -18.15
CA GLU A 185 -8.68 -30.11 -19.06
C GLU A 185 -7.54 -30.87 -18.40
N ASP A 186 -7.41 -30.78 -17.05
CA ASP A 186 -6.32 -31.40 -16.32
C ASP A 186 -6.73 -31.82 -14.89
N PRO A 187 -6.91 -33.14 -14.60
CA PRO A 187 -7.28 -33.56 -13.22
C PRO A 187 -6.28 -33.28 -12.10
N SER A 188 -5.04 -32.86 -12.43
CA SER A 188 -4.03 -32.49 -11.43
C SER A 188 -4.26 -31.04 -10.97
N ARG A 189 -5.24 -30.34 -11.60
CA ARG A 189 -5.56 -28.93 -11.35
C ARG A 189 -6.98 -28.68 -10.88
N LYS A 190 -7.17 -27.50 -10.28
CA LYS A 190 -8.48 -27.04 -9.82
C LYS A 190 -8.70 -25.66 -10.40
N ILE A 191 -9.97 -25.31 -10.61
CA ILE A 191 -10.36 -24.00 -11.08
C ILE A 191 -11.12 -23.30 -9.96
N TYR A 192 -10.64 -22.14 -9.56
CA TYR A 192 -11.28 -21.31 -8.54
C TYR A 192 -11.95 -20.18 -9.27
N LYS A 193 -13.20 -19.89 -8.92
CA LYS A 193 -13.99 -18.83 -9.58
C LYS A 193 -14.21 -17.65 -8.66
N PHE A 194 -14.32 -16.44 -9.26
CA PHE A 194 -14.43 -15.19 -8.51
C PHE A 194 -15.32 -14.19 -9.20
N ILE A 195 -15.99 -13.36 -8.38
CA ILE A 195 -16.87 -12.31 -8.89
C ILE A 195 -16.69 -11.02 -8.09
N GLN A 196 -16.45 -9.92 -8.81
CA GLN A 196 -16.34 -8.59 -8.23
C GLN A 196 -17.41 -7.75 -8.91
N LYS A 197 -18.53 -7.58 -8.20
CA LYS A 197 -19.73 -6.88 -8.68
C LYS A 197 -19.64 -5.36 -8.51
N VAL A 198 -18.69 -4.89 -7.70
CA VAL A 198 -18.54 -3.44 -7.52
C VAL A 198 -17.48 -2.92 -8.49
N PRO A 199 -17.76 -1.84 -9.27
CA PRO A 199 -16.72 -1.31 -10.18
C PRO A 199 -15.51 -0.80 -9.41
N ILE A 200 -14.34 -1.24 -9.86
CA ILE A 200 -13.07 -0.91 -9.25
C ILE A 200 -12.02 -0.44 -10.26
N PRO A 201 -11.04 0.40 -9.83
CA PRO A 201 -9.89 0.71 -10.71
C PRO A 201 -9.04 -0.55 -10.82
N CYS A 202 -8.34 -0.75 -11.97
CA CYS A 202 -7.57 -1.97 -12.21
C CYS A 202 -6.41 -2.24 -11.21
N TYR A 203 -5.86 -1.20 -10.53
CA TYR A 203 -4.80 -1.45 -9.54
C TYR A 203 -5.31 -2.29 -8.34
N LEU A 204 -6.65 -2.43 -8.21
CA LEU A 204 -7.28 -3.24 -7.15
C LEU A 204 -7.50 -4.71 -7.51
N ILE A 205 -7.11 -5.11 -8.72
CA ILE A 205 -7.16 -6.52 -9.14
C ILE A 205 -5.99 -7.21 -8.42
N ALA A 206 -6.27 -8.29 -7.68
CA ALA A 206 -5.20 -8.99 -6.97
C ALA A 206 -5.42 -10.48 -7.04
N LEU A 207 -4.30 -11.23 -7.02
CA LEU A 207 -4.26 -12.69 -7.04
C LEU A 207 -3.17 -13.23 -6.12
N VAL A 208 -3.52 -14.28 -5.35
CA VAL A 208 -2.61 -15.05 -4.52
C VAL A 208 -2.88 -16.54 -4.79
N VAL A 209 -1.82 -17.33 -4.91
CA VAL A 209 -1.93 -18.78 -5.10
C VAL A 209 -0.93 -19.40 -4.12
N GLY A 210 -1.39 -20.29 -3.24
CA GLY A 210 -0.52 -20.92 -2.27
C GLY A 210 -1.21 -21.98 -1.43
N ALA A 211 -0.46 -22.58 -0.49
CA ALA A 211 -1.02 -23.58 0.42
C ALA A 211 -1.66 -22.81 1.58
N LEU A 212 -2.87 -22.29 1.34
CA LEU A 212 -3.56 -21.44 2.31
C LEU A 212 -4.67 -22.15 3.08
N GLU A 213 -4.82 -21.77 4.34
CA GLU A 213 -5.86 -22.24 5.26
C GLU A 213 -6.57 -21.01 5.79
N SER A 214 -7.81 -21.15 6.25
CA SER A 214 -8.58 -20.00 6.79
C SER A 214 -9.17 -20.28 8.15
N ARG A 215 -9.42 -19.21 8.90
CA ARG A 215 -10.09 -19.28 10.19
C ARG A 215 -11.05 -18.12 10.28
N GLN A 216 -12.28 -18.38 10.72
CA GLN A 216 -13.24 -17.29 10.86
C GLN A 216 -12.92 -16.48 12.11
N ILE A 217 -12.98 -15.14 12.00
CA ILE A 217 -12.68 -14.27 13.17
C ILE A 217 -13.78 -13.23 13.41
N GLY A 218 -14.76 -13.22 12.52
CA GLY A 218 -15.87 -12.29 12.60
C GLY A 218 -17.03 -12.74 11.74
N PRO A 219 -18.20 -12.07 11.83
CA PRO A 219 -19.35 -12.49 10.98
C PRO A 219 -19.08 -12.32 9.48
N ARG A 220 -18.12 -11.46 9.09
CA ARG A 220 -17.87 -11.28 7.65
C ARG A 220 -16.38 -11.33 7.34
N THR A 221 -15.62 -12.03 8.20
CA THR A 221 -14.17 -12.05 8.06
C THR A 221 -13.54 -13.37 8.32
N LEU A 222 -12.76 -13.84 7.36
CA LEU A 222 -11.88 -14.99 7.50
C LEU A 222 -10.49 -14.46 7.45
N VAL A 223 -9.59 -15.05 8.23
CA VAL A 223 -8.18 -14.73 8.11
C VAL A 223 -7.55 -15.89 7.31
N TRP A 224 -6.71 -15.57 6.33
CA TRP A 224 -6.06 -16.57 5.47
C TRP A 224 -4.54 -16.45 5.61
N SER A 225 -3.84 -17.59 5.64
CA SER A 225 -2.36 -17.68 5.71
CA SER A 225 -2.37 -17.67 5.66
C SER A 225 -1.96 -19.12 5.55
N GLU A 226 -0.65 -19.39 5.57
CA GLU A 226 -0.17 -20.75 5.56
C GLU A 226 -0.50 -21.24 6.98
N LYS A 227 -0.73 -22.55 7.13
CA LYS A 227 -1.13 -23.20 8.40
C LYS A 227 -0.35 -22.69 9.64
N GLU A 228 0.96 -22.49 9.50
CA GLU A 228 1.88 -22.05 10.57
C GLU A 228 1.54 -20.68 11.18
N GLN A 229 0.86 -19.80 10.40
CA GLN A 229 0.52 -18.44 10.86
C GLN A 229 -0.95 -18.21 11.23
N VAL A 230 -1.85 -19.19 10.96
CA VAL A 230 -3.29 -19.03 11.20
C VAL A 230 -3.66 -18.63 12.64
N GLU A 231 -3.22 -19.43 13.62
CA GLU A 231 -3.57 -19.19 15.03
C GLU A 231 -3.13 -17.79 15.49
N LYS A 232 -1.86 -17.43 15.23
CA LYS A 232 -1.34 -16.10 15.62
C LYS A 232 -2.08 -14.95 14.90
N SER A 233 -2.42 -15.11 13.62
CA SER A 233 -3.12 -14.07 12.86
C SER A 233 -4.55 -13.84 13.34
N ALA A 234 -5.23 -14.93 13.71
CA ALA A 234 -6.61 -14.87 14.20
C ALA A 234 -6.67 -14.01 15.46
N TYR A 235 -5.69 -14.20 16.37
CA TYR A 235 -5.59 -13.40 17.60
C TYR A 235 -5.17 -11.97 17.26
N GLU A 236 -4.11 -11.82 16.47
CA GLU A 236 -3.58 -10.48 16.14
C GLU A 236 -4.63 -9.53 15.57
N PHE A 237 -5.50 -10.09 14.71
CA PHE A 237 -6.52 -9.29 13.99
C PHE A 237 -7.93 -9.45 14.53
N SER A 238 -8.08 -9.90 15.79
CA SER A 238 -9.40 -10.09 16.41
C SER A 238 -10.26 -8.81 16.56
N GLU A 239 -9.65 -7.61 16.52
CA GLU A 239 -10.42 -6.34 16.61
C GLU A 239 -11.04 -5.94 15.22
N THR A 240 -10.76 -6.69 14.15
CA THR A 240 -11.27 -6.37 12.79
C THR A 240 -12.78 -5.99 12.71
N GLU A 241 -13.68 -6.87 13.22
CA GLU A 241 -15.13 -6.60 13.17
C GLU A 241 -15.50 -5.30 13.88
N SER A 242 -14.94 -5.05 15.09
CA SER A 242 -15.20 -3.81 15.84
CA SER A 242 -15.19 -3.80 15.84
C SER A 242 -14.79 -2.59 15.00
N MET A 243 -13.66 -2.70 14.28
CA MET A 243 -13.17 -1.61 13.43
C MET A 243 -14.09 -1.41 12.22
N LEU A 244 -14.59 -2.51 11.62
CA LEU A 244 -15.51 -2.44 10.48
C LEU A 244 -16.81 -1.73 10.91
N LYS A 245 -17.31 -2.02 12.13
CA LYS A 245 -18.53 -1.37 12.64
C LYS A 245 -18.34 0.15 12.81
N ILE A 246 -17.20 0.57 13.35
CA ILE A 246 -16.93 2.01 13.52
C ILE A 246 -16.79 2.66 12.13
N ALA A 247 -16.04 1.99 11.22
CA ALA A 247 -15.86 2.53 9.87
C ALA A 247 -17.21 2.70 9.15
N GLU A 248 -18.16 1.74 9.32
CA GLU A 248 -19.50 1.85 8.72
C GLU A 248 -20.26 3.04 9.31
N ASP A 249 -20.10 3.26 10.61
CA ASP A 249 -20.74 4.39 11.26
C ASP A 249 -20.17 5.71 10.71
N LEU A 250 -18.86 5.77 10.41
CA LEU A 250 -18.26 6.99 9.87
C LEU A 250 -18.39 7.20 8.37
N GLY A 251 -18.31 6.12 7.59
CA GLY A 251 -18.33 6.23 6.13
C GLY A 251 -19.59 5.84 5.40
N GLY A 252 -20.51 5.19 6.11
CA GLY A 252 -21.75 4.71 5.51
C GLY A 252 -21.63 3.21 5.25
N PRO A 253 -22.57 2.63 4.49
CA PRO A 253 -22.55 1.18 4.27
C PRO A 253 -21.27 0.58 3.71
N TYR A 254 -20.86 -0.58 4.25
CA TYR A 254 -19.76 -1.35 3.71
C TYR A 254 -20.40 -2.09 2.51
N VAL A 255 -19.97 -1.82 1.27
CA VAL A 255 -20.65 -2.37 0.08
C VAL A 255 -20.01 -3.62 -0.51
N TRP A 256 -18.87 -4.06 0.03
CA TRP A 256 -18.07 -5.12 -0.56
C TRP A 256 -18.44 -6.57 -0.24
N GLY A 257 -19.40 -6.75 0.65
CA GLY A 257 -19.85 -8.06 1.10
C GLY A 257 -18.93 -8.58 2.21
N GLN A 258 -17.86 -9.21 1.80
CA GLN A 258 -16.87 -9.78 2.70
C GLN A 258 -15.74 -8.80 3.04
N TYR A 259 -15.13 -8.97 4.22
CA TYR A 259 -13.88 -8.30 4.57
C TYR A 259 -12.92 -9.38 5.06
N ASP A 260 -12.19 -10.05 4.15
CA ASP A 260 -11.24 -11.07 4.60
C ASP A 260 -9.87 -10.48 4.71
N LEU A 261 -8.97 -11.15 5.45
CA LEU A 261 -7.57 -10.75 5.58
C LEU A 261 -6.69 -11.90 5.14
N LEU A 262 -5.63 -11.57 4.40
CA LEU A 262 -4.61 -12.51 3.96
C LEU A 262 -3.26 -12.06 4.52
N VAL A 263 -2.57 -12.94 5.26
CA VAL A 263 -1.24 -12.65 5.84
C VAL A 263 -0.27 -13.29 4.88
N LEU A 264 0.46 -12.44 4.15
CA LEU A 264 1.37 -12.85 3.09
C LEU A 264 2.72 -13.36 3.63
N PRO A 265 3.59 -13.93 2.76
CA PRO A 265 4.93 -14.33 3.22
C PRO A 265 5.73 -13.06 3.54
N PRO A 266 6.89 -13.18 4.24
CA PRO A 266 7.60 -11.97 4.69
C PRO A 266 8.07 -10.97 3.64
N SER A 267 8.23 -11.38 2.37
CA SER A 267 8.68 -10.50 1.29
C SER A 267 7.62 -9.56 0.76
N PHE A 268 6.39 -9.62 1.31
CA PHE A 268 5.35 -8.70 0.89
C PHE A 268 5.88 -7.25 1.04
N PRO A 269 5.92 -6.45 -0.06
CA PRO A 269 6.63 -5.16 -0.01
C PRO A 269 6.04 -3.98 0.78
N TYR A 270 4.78 -4.07 1.23
CA TYR A 270 4.17 -2.96 1.97
C TYR A 270 3.54 -3.48 3.27
N GLY A 271 3.06 -2.57 4.13
CA GLY A 271 2.39 -2.95 5.36
C GLY A 271 1.07 -3.64 5.04
N GLY A 272 0.43 -3.19 3.98
CA GLY A 272 -0.81 -3.81 3.54
C GLY A 272 -1.21 -3.39 2.15
N MET A 273 -2.33 -3.95 1.69
CA MET A 273 -2.91 -3.59 0.38
C MET A 273 -4.41 -3.77 0.52
N GLU A 274 -5.13 -2.70 0.25
CA GLU A 274 -6.59 -2.59 0.41
C GLU A 274 -7.37 -3.29 -0.71
N ASN A 275 -6.95 -4.49 -1.06
CA ASN A 275 -7.61 -5.24 -2.14
C ASN A 275 -9.03 -5.52 -1.71
N PRO A 276 -10.01 -5.13 -2.54
CA PRO A 276 -11.43 -5.25 -2.11
C PRO A 276 -11.81 -6.70 -1.84
N CYS A 277 -12.53 -6.95 -0.71
CA CYS A 277 -12.97 -8.25 -0.18
C CYS A 277 -11.85 -9.00 0.48
N LEU A 278 -10.59 -8.65 0.19
CA LEU A 278 -9.45 -9.38 0.72
C LEU A 278 -8.21 -8.50 0.99
N THR A 279 -8.16 -7.86 2.16
CA THR A 279 -6.98 -7.05 2.48
C THR A 279 -5.74 -7.95 2.63
N PHE A 280 -4.62 -7.50 2.06
CA PHE A 280 -3.34 -8.21 2.17
C PHE A 280 -2.57 -7.51 3.29
N VAL A 281 -1.86 -8.27 4.13
CA VAL A 281 -1.05 -7.69 5.19
C VAL A 281 0.30 -8.36 5.28
N THR A 282 1.29 -7.59 5.73
CA THR A 282 2.64 -8.07 6.03
C THR A 282 2.60 -8.95 7.30
N PRO A 283 3.40 -10.05 7.38
CA PRO A 283 3.42 -10.81 8.63
C PRO A 283 4.22 -10.08 9.71
N THR A 284 4.85 -8.93 9.36
CA THR A 284 5.55 -8.08 10.34
C THR A 284 4.55 -7.40 11.30
N LEU A 285 3.22 -7.56 11.06
CA LEU A 285 2.22 -7.02 12.01
C LEU A 285 2.02 -8.00 13.19
N LEU A 286 2.52 -9.25 13.06
CA LEU A 286 2.30 -10.27 14.08
C LEU A 286 3.17 -10.02 15.33
N ALA A 287 2.87 -8.93 16.04
CA ALA A 287 3.59 -8.51 17.26
C ALA A 287 3.26 -9.40 18.47
N GLY A 288 2.10 -10.06 18.45
CA GLY A 288 1.65 -10.90 19.56
C GLY A 288 0.73 -10.19 20.52
N ASP A 289 0.51 -8.86 20.36
CA ASP A 289 -0.33 -8.10 21.30
C ASP A 289 -1.32 -7.13 20.63
N LYS A 290 -1.51 -7.24 19.29
CA LYS A 290 -2.44 -6.39 18.52
C LYS A 290 -1.97 -4.93 18.42
N SER A 291 -0.73 -4.61 18.86
CA SER A 291 -0.26 -3.21 18.86
C SER A 291 -0.10 -2.57 17.48
N LEU A 292 0.00 -3.37 16.41
CA LEU A 292 0.18 -2.81 15.07
C LEU A 292 -1.14 -2.86 14.26
N SER A 293 -2.28 -2.92 14.97
CA SER A 293 -3.63 -3.00 14.37
C SER A 293 -4.10 -1.73 13.63
N ASN A 294 -3.38 -0.59 13.75
CA ASN A 294 -3.77 0.61 13.03
C ASN A 294 -3.66 0.37 11.50
N VAL A 295 -2.76 -0.55 11.08
CA VAL A 295 -2.63 -0.94 9.68
C VAL A 295 -3.97 -1.58 9.22
N ILE A 296 -4.62 -2.41 10.08
CA ILE A 296 -5.93 -3.00 9.74
C ILE A 296 -6.95 -1.88 9.63
N ALA A 297 -6.94 -0.92 10.59
CA ALA A 297 -7.86 0.21 10.57
C ALA A 297 -7.68 1.03 9.28
N HIS A 298 -6.42 1.17 8.80
CA HIS A 298 -6.10 1.90 7.58
C HIS A 298 -6.64 1.14 6.37
N GLU A 299 -6.38 -0.17 6.28
CA GLU A 299 -6.88 -0.94 5.13
C GLU A 299 -8.41 -0.98 5.07
N ILE A 300 -9.06 -1.13 6.23
CA ILE A 300 -10.53 -1.11 6.35
C ILE A 300 -11.07 0.23 5.82
N SER A 301 -10.44 1.35 6.24
CA SER A 301 -10.85 2.72 5.84
C SER A 301 -10.89 2.92 4.33
N HIS A 302 -9.91 2.30 3.62
CA HIS A 302 -9.82 2.34 2.17
C HIS A 302 -11.07 1.80 1.47
N SER A 303 -11.88 0.96 2.16
CA SER A 303 -13.13 0.43 1.59
C SER A 303 -14.12 1.59 1.26
N TRP A 304 -13.82 2.80 1.79
CA TRP A 304 -14.57 4.01 1.52
C TRP A 304 -13.66 4.97 0.73
N THR A 305 -12.58 5.41 1.35
CA THR A 305 -11.67 6.39 0.75
C THR A 305 -10.58 5.64 -0.02
N GLY A 306 -10.63 5.72 -1.34
CA GLY A 306 -9.70 5.01 -2.22
C GLY A 306 -10.43 3.99 -3.08
N ASN A 307 -11.13 3.02 -2.44
CA ASN A 307 -11.85 1.97 -3.19
C ASN A 307 -13.20 2.40 -3.73
N LEU A 308 -13.89 3.31 -3.02
CA LEU A 308 -15.17 3.86 -3.48
C LEU A 308 -14.93 5.21 -4.16
N VAL A 309 -14.23 6.12 -3.47
CA VAL A 309 -13.84 7.44 -4.00
C VAL A 309 -12.38 7.28 -4.34
N THR A 310 -12.05 7.24 -5.63
CA THR A 310 -10.69 6.99 -6.11
C THR A 310 -10.05 8.24 -6.74
N ASN A 311 -8.71 8.43 -6.60
CA ASN A 311 -7.99 9.52 -7.27
C ASN A 311 -8.04 9.23 -8.77
N LYS A 312 -8.40 10.24 -9.57
CA LYS A 312 -8.52 10.11 -11.02
C LYS A 312 -7.20 9.77 -11.72
N THR A 313 -6.11 10.35 -11.23
CA THR A 313 -4.75 10.07 -11.72
C THR A 313 -3.86 9.95 -10.49
N TRP A 314 -2.65 9.44 -10.68
CA TRP A 314 -1.71 9.30 -9.58
C TRP A 314 -1.20 10.62 -9.01
N ASP A 315 -1.37 11.73 -9.75
CA ASP A 315 -0.97 13.06 -9.26
C ASP A 315 -1.82 13.49 -8.06
N HIS A 316 -3.02 12.92 -7.93
CA HIS A 316 -4.03 13.24 -6.91
C HIS A 316 -4.11 12.15 -5.81
N PHE A 317 -3.07 11.30 -5.71
CA PHE A 317 -2.97 10.20 -4.75
C PHE A 317 -3.24 10.62 -3.30
N TRP A 318 -2.86 11.85 -2.91
CA TRP A 318 -3.10 12.37 -1.55
C TRP A 318 -4.59 12.26 -1.19
N LEU A 319 -5.51 12.39 -2.18
CA LEU A 319 -6.96 12.25 -1.92
C LEU A 319 -7.26 10.89 -1.33
N ASN A 320 -6.62 9.84 -1.87
CA ASN A 320 -6.78 8.48 -1.40
C ASN A 320 -6.20 8.37 0.00
N GLU A 321 -4.90 8.68 0.16
CA GLU A 321 -4.22 8.50 1.44
C GLU A 321 -4.55 9.40 2.57
N GLY A 322 -4.69 10.68 2.29
CA GLY A 322 -5.00 11.70 3.30
C GLY A 322 -6.29 11.38 4.01
N HIS A 323 -7.36 11.12 3.25
CA HIS A 323 -8.66 10.78 3.80
C HIS A 323 -8.67 9.46 4.55
N THR A 324 -7.88 8.48 4.06
CA THR A 324 -7.78 7.14 4.68
C THR A 324 -7.10 7.24 6.03
N VAL A 325 -6.01 8.02 6.13
CA VAL A 325 -5.29 8.20 7.41
C VAL A 325 -6.23 8.93 8.36
N TYR A 326 -6.97 9.90 7.83
CA TYR A 326 -7.93 10.66 8.63
C TYR A 326 -8.98 9.72 9.24
N LEU A 327 -9.58 8.85 8.41
CA LEU A 327 -10.60 7.91 8.87
C LEU A 327 -9.97 6.87 9.85
N GLU A 328 -8.76 6.35 9.50
CA GLU A 328 -8.00 5.38 10.30
C GLU A 328 -7.84 5.92 11.75
N ARG A 329 -7.37 7.17 11.86
CA ARG A 329 -7.13 7.82 13.17
C ARG A 329 -8.40 8.04 13.98
N HIS A 330 -9.56 8.23 13.29
CA HIS A 330 -10.85 8.32 13.97
C HIS A 330 -11.26 6.93 14.53
N ILE A 331 -11.03 5.85 13.77
CA ILE A 331 -11.35 4.50 14.23
C ILE A 331 -10.56 4.21 15.53
N CYS A 332 -9.23 4.46 15.49
CA CYS A 332 -8.36 4.21 16.63
C CYS A 332 -8.71 5.18 17.81
N GLY A 333 -9.17 6.38 17.49
CA GLY A 333 -9.64 7.35 18.49
C GLY A 333 -10.96 6.90 19.13
N ARG A 334 -11.84 6.23 18.35
CA ARG A 334 -13.11 5.71 18.91
C ARG A 334 -12.81 4.53 19.85
N LEU A 335 -11.91 3.63 19.44
CA LEU A 335 -11.53 2.47 20.25
C LEU A 335 -10.70 2.82 21.44
N PHE A 336 -9.75 3.74 21.30
CA PHE A 336 -8.79 4.03 22.37
C PHE A 336 -8.77 5.43 23.00
N GLY A 337 -9.65 6.31 22.55
CA GLY A 337 -9.77 7.65 23.12
C GLY A 337 -9.17 8.73 22.25
N GLU A 338 -9.68 9.95 22.43
CA GLU A 338 -9.27 11.13 21.69
C GLU A 338 -7.78 11.48 21.91
N LYS A 339 -7.26 11.26 23.14
CA LYS A 339 -5.85 11.52 23.46
C LYS A 339 -4.96 10.61 22.61
N PHE A 340 -5.43 9.38 22.34
CA PHE A 340 -4.70 8.44 21.50
C PHE A 340 -4.71 8.89 20.03
N ARG A 341 -5.85 9.42 19.55
CA ARG A 341 -5.92 9.98 18.19
C ARG A 341 -4.91 11.14 18.03
N HIS A 342 -4.83 12.04 19.00
CA HIS A 342 -3.88 13.18 18.95
C HIS A 342 -2.42 12.68 19.00
N PHE A 343 -2.14 11.64 19.81
CA PHE A 343 -0.80 11.00 19.86
C PHE A 343 -0.39 10.47 18.46
N ASN A 344 -1.28 9.70 17.79
CA ASN A 344 -0.99 9.15 16.47
C ASN A 344 -0.85 10.22 15.42
N ALA A 345 -1.67 11.28 15.53
CA ALA A 345 -1.59 12.40 14.59
C ALA A 345 -0.27 13.15 14.76
N LEU A 346 0.17 13.35 16.02
CA LEU A 346 1.42 14.07 16.27
C LEU A 346 2.63 13.26 15.81
N GLY A 347 2.52 11.93 15.92
CA GLY A 347 3.52 10.99 15.40
C GLY A 347 3.62 11.10 13.89
N GLY A 348 2.48 11.26 13.23
CA GLY A 348 2.39 11.43 11.77
C GLY A 348 3.11 12.70 11.30
N TRP A 349 2.95 13.79 12.05
CA TRP A 349 3.65 15.06 11.77
C TRP A 349 5.18 14.82 11.80
N GLY A 350 5.65 14.05 12.79
CA GLY A 350 7.07 13.69 12.90
C GLY A 350 7.58 12.90 11.71
N GLU A 351 6.75 11.98 11.15
CA GLU A 351 7.11 11.17 9.97
C GLU A 351 7.13 12.08 8.74
N LEU A 352 6.24 13.08 8.71
CA LEU A 352 6.22 14.09 7.65
C LEU A 352 7.52 14.93 7.75
N GLN A 353 7.94 15.31 8.97
CA GLN A 353 9.20 16.04 9.14
C GLN A 353 10.37 15.21 8.59
N ASN A 354 10.40 13.90 8.89
CA ASN A 354 11.45 13.01 8.40
C ASN A 354 11.49 12.93 6.88
N SER A 355 10.31 12.76 6.22
CA SER A 355 10.24 12.67 4.76
C SER A 355 10.72 13.97 4.09
N VAL A 356 10.30 15.12 4.65
CA VAL A 356 10.66 16.43 4.10
C VAL A 356 12.19 16.63 4.22
N LYS A 357 12.78 16.25 5.36
CA LYS A 357 14.23 16.35 5.60
C LYS A 357 15.00 15.44 4.63
N THR A 358 14.52 14.21 4.43
CA THR A 358 15.12 13.23 3.52
C THR A 358 15.12 13.70 2.04
N PHE A 359 13.97 14.18 1.54
CA PHE A 359 13.83 14.64 0.17
C PHE A 359 14.48 16.01 -0.06
N GLY A 360 14.37 16.86 0.95
CA GLY A 360 14.78 18.26 0.89
C GLY A 360 13.51 19.08 0.83
N GLU A 361 13.50 20.22 1.52
CA GLU A 361 12.33 21.09 1.65
C GLU A 361 11.79 21.74 0.36
N THR A 362 12.57 21.70 -0.74
CA THR A 362 12.14 22.27 -2.03
C THR A 362 11.84 21.14 -3.05
N HIS A 363 12.03 19.86 -2.64
CA HIS A 363 11.83 18.71 -3.53
C HIS A 363 10.39 18.63 -4.07
N PRO A 364 10.21 18.37 -5.40
CA PRO A 364 8.83 18.29 -5.94
C PRO A 364 7.96 17.18 -5.36
N PHE A 365 8.54 16.14 -4.73
CA PHE A 365 7.71 15.06 -4.12
C PHE A 365 7.22 15.43 -2.72
N THR A 366 7.58 16.63 -2.21
CA THR A 366 7.07 17.07 -0.92
C THR A 366 5.83 17.91 -1.11
N LYS A 367 5.44 18.14 -2.38
CA LYS A 367 4.21 18.84 -2.74
C LYS A 367 3.07 17.85 -2.49
N LEU A 368 1.88 18.36 -2.11
CA LEU A 368 0.72 17.51 -1.88
C LEU A 368 0.19 16.94 -3.21
N VAL A 369 -0.03 17.82 -4.20
CA VAL A 369 -0.42 17.45 -5.57
C VAL A 369 0.88 17.42 -6.38
N VAL A 370 1.20 16.26 -6.92
CA VAL A 370 2.45 16.05 -7.65
C VAL A 370 2.30 16.01 -9.16
N ASP A 371 3.44 16.01 -9.88
CA ASP A 371 3.45 15.89 -11.34
C ASP A 371 4.35 14.71 -11.63
N LEU A 372 3.71 13.57 -11.93
CA LEU A 372 4.40 12.32 -12.20
C LEU A 372 4.84 12.10 -13.66
N THR A 373 4.80 13.15 -14.50
CA THR A 373 5.26 13.06 -15.89
C THR A 373 6.72 12.54 -15.88
N ASP A 374 6.98 11.43 -16.57
CA ASP A 374 8.32 10.82 -16.64
C ASP A 374 8.92 10.36 -15.29
N ILE A 375 8.05 10.18 -14.26
CA ILE A 375 8.49 9.69 -12.93
C ILE A 375 7.86 8.31 -12.68
N ASP A 376 8.69 7.33 -12.25
CA ASP A 376 8.19 6.01 -11.87
C ASP A 376 7.41 6.20 -10.54
N PRO A 377 6.06 5.96 -10.49
CA PRO A 377 5.33 6.14 -9.20
C PRO A 377 5.95 5.40 -8.01
N ASP A 378 6.58 4.22 -8.23
CA ASP A 378 7.22 3.45 -7.16
C ASP A 378 8.40 4.23 -6.55
N VAL A 379 9.11 5.03 -7.37
CA VAL A 379 10.23 5.88 -6.94
C VAL A 379 9.72 7.11 -6.12
N ALA A 380 8.54 7.62 -6.46
CA ALA A 380 7.93 8.77 -5.79
C ALA A 380 7.33 8.39 -4.42
N TYR A 381 6.99 7.11 -4.22
CA TYR A 381 6.37 6.65 -2.97
C TYR A 381 7.07 7.13 -1.70
N SER A 382 6.29 7.73 -0.77
CA SER A 382 6.77 8.25 0.52
C SER A 382 5.58 8.48 1.45
N SER A 383 5.86 9.02 2.64
CA SER A 383 4.88 9.41 3.64
C SER A 383 4.19 10.75 3.33
N VAL A 384 4.72 11.53 2.38
CA VAL A 384 4.15 12.85 2.05
C VAL A 384 2.63 12.82 1.74
N PRO A 385 2.12 12.07 0.74
CA PRO A 385 0.67 12.09 0.46
C PRO A 385 -0.20 11.66 1.66
N TYR A 386 0.33 10.71 2.48
CA TYR A 386 -0.34 10.23 3.70
C TYR A 386 -0.41 11.34 4.75
N GLU A 387 0.75 11.84 5.17
CA GLU A 387 0.88 12.77 6.29
C GLU A 387 0.65 14.22 6.00
N LYS A 388 1.06 14.68 4.82
CA LYS A 388 0.76 16.07 4.45
C LYS A 388 -0.73 16.14 4.14
N GLY A 389 -1.28 15.06 3.58
CA GLY A 389 -2.71 14.97 3.31
C GLY A 389 -3.48 14.91 4.61
N PHE A 390 -3.01 14.08 5.59
CA PHE A 390 -3.68 14.03 6.88
C PHE A 390 -3.62 15.39 7.56
N ALA A 391 -2.42 16.03 7.60
CA ALA A 391 -2.28 17.34 8.26
C ALA A 391 -3.23 18.39 7.71
N LEU A 392 -3.47 18.40 6.38
CA LEU A 392 -4.42 19.33 5.78
C LEU A 392 -5.84 19.11 6.31
N LEU A 393 -6.27 17.85 6.36
CA LEU A 393 -7.61 17.51 6.83
C LEU A 393 -7.78 17.80 8.31
N PHE A 394 -6.73 17.54 9.10
CA PHE A 394 -6.73 17.79 10.54
C PHE A 394 -6.76 19.30 10.81
N TYR A 395 -6.03 20.06 10.00
CA TYR A 395 -6.04 21.53 10.07
C TYR A 395 -7.46 22.06 9.75
N LEU A 396 -8.08 21.57 8.68
CA LEU A 396 -9.45 21.97 8.29
C LEU A 396 -10.47 21.59 9.35
N GLU A 397 -10.33 20.40 9.98
CA GLU A 397 -11.19 19.95 11.07
C GLU A 397 -11.19 21.00 12.20
N GLN A 398 -9.99 21.47 12.56
CA GLN A 398 -9.84 22.45 13.66
C GLN A 398 -10.38 23.82 13.29
N LEU A 399 -10.18 24.20 12.04
CA LEU A 399 -10.63 25.47 11.48
C LEU A 399 -12.16 25.55 11.33
N LEU A 400 -12.77 24.42 10.95
CA LEU A 400 -14.20 24.32 10.69
C LEU A 400 -15.14 23.94 11.84
N GLY A 401 -14.61 23.76 13.05
CA GLY A 401 -15.48 23.49 14.19
C GLY A 401 -15.33 22.16 14.90
N GLY A 402 -14.35 21.35 14.51
CA GLY A 402 -14.08 20.12 15.24
C GLY A 402 -14.40 18.81 14.54
N PRO A 403 -14.02 17.69 15.19
CA PRO A 403 -14.17 16.38 14.54
C PRO A 403 -15.58 15.99 14.17
N GLU A 404 -16.59 16.28 15.01
CA GLU A 404 -17.98 15.93 14.71
C GLU A 404 -18.45 16.62 13.42
N ILE A 405 -18.14 17.91 13.27
CA ILE A 405 -18.50 18.67 12.06
C ILE A 405 -17.75 18.10 10.84
N PHE A 406 -16.43 17.92 10.95
CA PHE A 406 -15.61 17.40 9.85
C PHE A 406 -15.97 15.97 9.42
N LEU A 407 -16.38 15.12 10.38
CA LEU A 407 -16.86 13.76 10.08
C LEU A 407 -18.15 13.79 9.24
N GLY A 408 -18.97 14.83 9.43
CA GLY A 408 -20.17 15.05 8.64
C GLY A 408 -19.77 15.29 7.19
N PHE A 409 -18.73 16.13 6.96
CA PHE A 409 -18.21 16.37 5.63
C PHE A 409 -17.69 15.08 4.99
N LEU A 410 -16.91 14.29 5.75
CA LEU A 410 -16.30 13.05 5.28
C LEU A 410 -17.35 12.06 4.78
N LYS A 411 -18.41 11.85 5.56
CA LYS A 411 -19.50 10.94 5.15
C LYS A 411 -20.23 11.45 3.89
N ALA A 412 -20.46 12.79 3.80
CA ALA A 412 -21.13 13.39 2.64
C ALA A 412 -20.23 13.30 1.39
N TYR A 413 -18.90 13.45 1.55
CA TYR A 413 -17.89 13.32 0.50
C TYR A 413 -17.90 11.89 -0.09
N VAL A 414 -17.93 10.88 0.77
CA VAL A 414 -17.99 9.47 0.32
C VAL A 414 -19.33 9.22 -0.42
N GLU A 415 -20.45 9.70 0.12
CA GLU A 415 -21.75 9.48 -0.53
C GLU A 415 -21.78 10.14 -1.92
N LYS A 416 -21.29 11.39 -1.99
CA LYS A 416 -21.21 12.17 -3.23
C LYS A 416 -20.38 11.52 -4.33
N PHE A 417 -19.20 11.02 -3.98
CA PHE A 417 -18.26 10.51 -4.96
C PHE A 417 -18.08 9.00 -5.05
N SER A 418 -18.93 8.23 -4.38
CA SER A 418 -18.87 6.76 -4.44
C SER A 418 -18.94 6.27 -5.88
N TYR A 419 -18.06 5.30 -6.23
CA TYR A 419 -17.94 4.66 -7.56
C TYR A 419 -17.36 5.58 -8.61
N LYS A 420 -16.79 6.74 -8.18
CA LYS A 420 -16.21 7.71 -9.11
C LYS A 420 -14.71 7.88 -8.88
N SER A 421 -14.03 8.54 -9.84
CA SER A 421 -12.59 8.85 -9.80
C SER A 421 -12.51 10.38 -9.91
N ILE A 422 -11.92 11.03 -8.90
CA ILE A 422 -11.95 12.48 -8.79
C ILE A 422 -10.58 13.15 -8.69
N THR A 423 -10.55 14.49 -8.86
CA THR A 423 -9.32 15.29 -8.73
C THR A 423 -9.38 16.15 -7.48
N THR A 424 -8.24 16.84 -7.18
CA THR A 424 -8.14 17.78 -6.06
C THR A 424 -9.18 18.90 -6.23
N ASP A 425 -9.40 19.39 -7.47
CA ASP A 425 -10.41 20.43 -7.71
C ASP A 425 -11.84 19.95 -7.42
N ASP A 426 -12.19 18.67 -7.73
CA ASP A 426 -13.50 18.09 -7.40
C ASP A 426 -13.67 18.08 -5.88
N TRP A 427 -12.63 17.64 -5.15
CA TRP A 427 -12.65 17.60 -3.68
C TRP A 427 -12.86 19.02 -3.12
N LYS A 428 -12.04 19.99 -3.56
CA LYS A 428 -12.05 21.38 -3.09
C LYS A 428 -13.40 22.04 -3.36
N ASP A 429 -13.96 21.80 -4.53
CA ASP A 429 -15.26 22.32 -4.94
C ASP A 429 -16.34 21.79 -3.98
N PHE A 430 -16.30 20.48 -3.67
CA PHE A 430 -17.28 19.88 -2.77
C PHE A 430 -17.09 20.38 -1.33
N LEU A 431 -15.83 20.53 -0.89
CA LEU A 431 -15.55 21.06 0.44
C LEU A 431 -16.19 22.46 0.59
N TYR A 432 -16.02 23.33 -0.45
CA TYR A 432 -16.58 24.70 -0.45
C TYR A 432 -18.11 24.66 -0.46
N SER A 433 -18.69 23.72 -1.24
CA SER A 433 -20.15 23.52 -1.38
C SER A 433 -20.76 23.10 -0.03
N TYR A 434 -20.21 22.05 0.61
CA TYR A 434 -20.66 21.53 1.89
C TYR A 434 -20.54 22.60 2.99
N PHE A 435 -19.40 23.32 3.02
CA PHE A 435 -19.11 24.35 4.03
C PHE A 435 -19.41 25.75 3.53
N LYS A 436 -20.49 25.90 2.73
CA LYS A 436 -20.93 27.18 2.15
C LYS A 436 -21.09 28.29 3.20
N ASP A 437 -21.56 27.95 4.41
CA ASP A 437 -21.74 28.89 5.52
C ASP A 437 -20.42 29.26 6.21
N LYS A 438 -19.30 28.60 5.83
CA LYS A 438 -17.98 28.85 6.38
C LYS A 438 -16.93 29.18 5.29
N VAL A 439 -17.39 29.67 4.11
CA VAL A 439 -16.51 30.04 2.98
C VAL A 439 -15.47 31.11 3.38
N ASP A 440 -15.85 32.07 4.26
CA ASP A 440 -14.94 33.11 4.77
C ASP A 440 -13.77 32.48 5.52
N VAL A 441 -14.03 31.40 6.29
CA VAL A 441 -13.03 30.64 7.03
C VAL A 441 -12.14 29.86 6.02
N LEU A 442 -12.75 29.19 5.04
CA LEU A 442 -12.05 28.44 3.98
C LEU A 442 -11.14 29.34 3.15
N ASN A 443 -11.54 30.61 2.92
CA ASN A 443 -10.75 31.59 2.16
C ASN A 443 -9.52 32.10 2.89
N GLN A 444 -9.39 31.78 4.20
CA GLN A 444 -8.20 32.12 4.97
C GLN A 444 -7.10 31.04 4.78
N VAL A 445 -7.46 29.87 4.21
CA VAL A 445 -6.48 28.78 3.95
C VAL A 445 -5.57 29.20 2.80
N ASP A 446 -4.25 28.96 2.94
CA ASP A 446 -3.30 29.24 1.87
C ASP A 446 -3.28 27.97 0.98
N TRP A 447 -4.29 27.87 0.09
CA TRP A 447 -4.49 26.75 -0.81
C TRP A 447 -3.28 26.48 -1.71
N ASN A 448 -2.72 27.54 -2.33
CA ASN A 448 -1.54 27.42 -3.19
C ASN A 448 -0.36 26.77 -2.45
N ALA A 449 -0.12 27.17 -1.18
CA ALA A 449 0.95 26.58 -0.37
C ALA A 449 0.63 25.12 0.01
N TRP A 450 -0.55 24.88 0.60
CA TRP A 450 -0.99 23.55 1.05
C TRP A 450 -0.97 22.50 -0.06
N LEU A 451 -1.52 22.84 -1.23
CA LEU A 451 -1.65 21.90 -2.35
C LEU A 451 -0.47 21.79 -3.28
N TYR A 452 0.18 22.95 -3.60
CA TYR A 452 1.21 23.02 -4.66
C TYR A 452 2.64 23.37 -4.28
N SER A 453 2.86 23.83 -3.05
CA SER A 453 4.21 24.20 -2.62
C SER A 453 4.95 23.05 -1.96
N PRO A 454 6.28 22.96 -2.15
CA PRO A 454 7.05 21.92 -1.45
C PRO A 454 7.26 22.26 0.03
N GLY A 455 7.81 21.31 0.78
CA GLY A 455 8.16 21.46 2.19
C GLY A 455 7.07 21.16 3.19
N LEU A 456 7.33 21.51 4.45
CA LEU A 456 6.36 21.35 5.53
C LEU A 456 5.15 22.28 5.26
N PRO A 457 3.93 21.89 5.67
CA PRO A 457 2.76 22.77 5.43
C PRO A 457 2.92 24.17 6.01
N PRO A 458 2.18 25.20 5.55
CA PRO A 458 2.38 26.56 6.11
C PRO A 458 1.94 26.76 7.57
N ILE A 459 1.05 25.88 8.07
CA ILE A 459 0.53 25.95 9.44
C ILE A 459 0.60 24.55 10.03
N LYS A 460 1.04 24.44 11.29
CA LYS A 460 1.04 23.16 11.98
C LYS A 460 -0.24 23.11 12.83
N PRO A 461 -1.04 22.02 12.76
CA PRO A 461 -2.26 21.94 13.59
C PRO A 461 -1.98 21.92 15.11
N ASN A 462 -3.05 21.94 15.91
CA ASN A 462 -2.94 21.87 17.36
C ASN A 462 -3.03 20.42 17.80
N TYR A 463 -2.10 19.97 18.62
CA TYR A 463 -2.11 18.57 19.08
C TYR A 463 -2.08 18.49 20.58
N ASP A 464 -3.00 17.70 21.16
CA ASP A 464 -2.95 17.35 22.59
C ASP A 464 -1.61 16.57 22.79
N MET A 465 -0.86 16.93 23.84
CA MET A 465 0.45 16.36 24.16
C MET A 465 0.46 15.29 25.24
N THR A 466 -0.67 15.03 25.91
CA THR A 466 -0.75 14.11 27.05
C THR A 466 0.15 12.86 26.96
N LEU A 467 -0.05 12.06 25.91
CA LEU A 467 0.68 10.80 25.74
C LEU A 467 2.07 10.95 25.15
N THR A 468 2.35 12.09 24.49
CA THR A 468 3.66 12.33 23.87
C THR A 468 4.69 12.85 24.88
N ASN A 469 4.25 13.60 25.93
CA ASN A 469 5.13 14.20 26.93
C ASN A 469 6.18 13.28 27.52
N ALA A 470 5.80 12.07 27.98
CA ALA A 470 6.75 11.12 28.57
C ALA A 470 7.79 10.64 27.56
N CYS A 471 7.40 10.50 26.26
CA CYS A 471 8.32 10.08 25.18
C CYS A 471 9.36 11.16 24.97
N ILE A 472 8.91 12.41 24.87
CA ILE A 472 9.80 13.57 24.67
C ILE A 472 10.73 13.72 25.86
N ALA A 473 10.20 13.66 27.07
CA ALA A 473 11.00 13.81 28.30
C ALA A 473 12.11 12.77 28.36
N LEU A 474 11.81 11.48 28.07
CA LEU A 474 12.84 10.43 28.12
C LEU A 474 13.90 10.58 27.01
N SER A 475 13.46 10.95 25.79
CA SER A 475 14.36 11.17 24.64
C SER A 475 15.33 12.30 24.98
N GLN A 476 14.81 13.42 25.53
CA GLN A 476 15.62 14.55 25.96
C GLN A 476 16.61 14.21 27.07
N ARG A 477 16.20 13.37 28.04
CA ARG A 477 17.14 12.92 29.09
C ARG A 477 18.34 12.21 28.44
N TRP A 478 18.07 11.34 27.46
CA TRP A 478 19.14 10.58 26.78
C TRP A 478 20.05 11.50 25.95
N ILE A 479 19.45 12.38 25.13
CA ILE A 479 20.20 13.31 24.26
C ILE A 479 21.11 14.25 25.05
N THR A 480 20.61 14.79 26.18
CA THR A 480 21.38 15.73 27.02
C THR A 480 22.32 15.06 28.02
N ALA A 481 22.17 13.73 28.21
CA ALA A 481 23.00 12.98 29.17
C ALA A 481 24.46 13.03 28.77
N LYS A 482 25.35 13.17 29.76
CA LYS A 482 26.79 13.04 29.55
C LYS A 482 27.15 11.67 30.13
N GLU A 483 28.43 11.26 29.99
CA GLU A 483 28.87 9.96 30.49
C GLU A 483 28.49 9.72 31.96
N ASP A 484 28.66 10.73 32.82
CA ASP A 484 28.38 10.59 34.25
C ASP A 484 26.90 10.51 34.62
N ASP A 485 26.00 10.68 33.62
CA ASP A 485 24.54 10.60 33.78
C ASP A 485 24.00 9.22 33.38
N LEU A 486 24.82 8.42 32.67
CA LEU A 486 24.38 7.12 32.15
C LEU A 486 23.94 6.11 33.23
N ASN A 487 24.58 6.15 34.38
CA ASN A 487 24.23 5.27 35.48
C ASN A 487 22.83 5.55 36.07
N SER A 488 22.26 6.76 35.83
CA SER A 488 20.92 7.13 36.35
C SER A 488 19.79 6.41 35.61
N PHE A 489 20.03 5.98 34.33
CA PHE A 489 18.99 5.28 33.55
C PHE A 489 18.81 3.84 34.06
N ASN A 490 17.56 3.35 34.04
CA ASN A 490 17.23 2.02 34.56
C ASN A 490 15.98 1.49 33.87
N ALA A 491 15.76 0.17 33.87
CA ALA A 491 14.55 -0.44 33.29
C ALA A 491 13.24 0.21 33.80
N THR A 492 13.26 0.80 35.00
CA THR A 492 12.08 1.50 35.57
C THR A 492 11.65 2.71 34.75
N ASP A 493 12.56 3.29 33.94
CA ASP A 493 12.19 4.43 33.07
C ASP A 493 11.04 4.05 32.12
N LEU A 494 10.94 2.77 31.76
CA LEU A 494 9.94 2.30 30.79
C LEU A 494 8.63 1.76 31.35
N LYS A 495 8.53 1.62 32.69
CA LYS A 495 7.39 0.99 33.37
C LYS A 495 5.99 1.47 32.97
N ASP A 496 5.83 2.78 32.74
CA ASP A 496 4.54 3.39 32.42
C ASP A 496 4.39 3.69 30.91
N LEU A 497 5.27 3.11 30.09
CA LEU A 497 5.20 3.36 28.67
C LEU A 497 4.55 2.22 27.92
N SER A 498 3.55 2.51 27.08
CA SER A 498 2.93 1.50 26.21
C SER A 498 3.92 1.19 25.08
N SER A 499 3.67 0.15 24.25
CA SER A 499 4.53 -0.18 23.11
C SER A 499 4.61 1.03 22.14
N HIS A 500 3.47 1.73 21.98
CA HIS A 500 3.33 2.93 21.15
C HIS A 500 4.23 4.06 21.66
N GLN A 501 4.30 4.25 22.98
CA GLN A 501 5.15 5.26 23.59
C GLN A 501 6.62 4.92 23.48
N LEU A 502 6.97 3.63 23.60
CA LEU A 502 8.35 3.16 23.44
C LEU A 502 8.80 3.45 22.01
N ASN A 503 7.92 3.16 21.04
CA ASN A 503 8.15 3.43 19.63
C ASN A 503 8.34 4.93 19.37
N GLU A 504 7.51 5.78 20.01
CA GLU A 504 7.63 7.23 19.86
C GLU A 504 8.94 7.75 20.51
N PHE A 505 9.31 7.21 21.70
CA PHE A 505 10.60 7.55 22.36
C PHE A 505 11.77 7.29 21.36
N LEU A 506 11.75 6.14 20.69
CA LEU A 506 12.77 5.79 19.71
C LEU A 506 12.73 6.69 18.49
N ALA A 507 11.52 7.07 17.98
CA ALA A 507 11.40 7.95 16.82
C ALA A 507 11.95 9.34 17.14
N GLN A 508 11.65 9.87 18.35
CA GLN A 508 12.14 11.19 18.80
C GLN A 508 13.69 11.15 18.89
N THR A 509 14.24 10.07 19.43
CA THR A 509 15.70 9.92 19.58
C THR A 509 16.40 9.78 18.23
N LEU A 510 15.80 8.98 17.34
CA LEU A 510 16.33 8.75 16.00
C LEU A 510 16.40 10.06 15.19
N GLN A 511 15.49 11.02 15.46
CA GLN A 511 15.51 12.34 14.82
C GLN A 511 16.79 13.12 15.18
N ARG A 512 17.45 12.79 16.30
CA ARG A 512 18.69 13.44 16.74
C ARG A 512 19.91 12.53 16.60
N ALA A 513 19.75 11.41 15.89
CA ALA A 513 20.85 10.47 15.70
C ALA A 513 21.96 11.05 14.78
N PRO A 514 23.24 10.68 15.01
CA PRO A 514 23.74 9.69 15.98
C PRO A 514 23.81 10.22 17.39
N LEU A 515 23.74 9.31 18.36
CA LEU A 515 24.02 9.58 19.76
C LEU A 515 25.41 8.96 20.03
N PRO A 516 26.11 9.31 21.12
CA PRO A 516 27.41 8.67 21.37
C PRO A 516 27.24 7.15 21.50
N LEU A 517 28.25 6.38 21.06
CA LEU A 517 28.21 4.92 21.13
C LEU A 517 27.95 4.38 22.57
N GLY A 518 28.57 5.02 23.58
CA GLY A 518 28.38 4.66 24.99
C GLY A 518 26.94 4.81 25.46
N HIS A 519 26.21 5.80 24.93
CA HIS A 519 24.80 6.01 25.27
C HIS A 519 23.97 4.84 24.71
N ILE A 520 24.23 4.44 23.44
CA ILE A 520 23.50 3.33 22.81
C ILE A 520 23.78 2.00 23.56
N LYS A 521 25.06 1.74 23.90
CA LYS A 521 25.43 0.53 24.65
C LYS A 521 24.69 0.49 26.00
N ARG A 522 24.58 1.64 26.71
CA ARG A 522 23.87 1.73 27.99
C ARG A 522 22.35 1.47 27.79
N MET A 523 21.77 1.98 26.69
CA MET A 523 20.35 1.78 26.36
C MET A 523 20.07 0.28 26.23
N GLN A 524 20.97 -0.48 25.57
CA GLN A 524 20.80 -1.93 25.46
C GLN A 524 20.96 -2.59 26.87
N GLU A 525 21.96 -2.14 27.66
CA GLU A 525 22.24 -2.67 29.00
C GLU A 525 20.99 -2.54 29.91
N VAL A 526 20.32 -1.38 29.90
CA VAL A 526 19.21 -1.10 30.82
C VAL A 526 17.81 -1.42 30.28
N TYR A 527 17.59 -1.27 28.98
CA TYR A 527 16.26 -1.49 28.42
C TYR A 527 16.12 -2.78 27.65
N ASN A 528 17.25 -3.41 27.28
CA ASN A 528 17.30 -4.66 26.51
C ASN A 528 16.40 -4.59 25.27
N PHE A 529 16.60 -3.54 24.46
CA PHE A 529 15.82 -3.38 23.23
C PHE A 529 16.08 -4.49 22.20
N ASN A 530 17.24 -5.19 22.29
CA ASN A 530 17.56 -6.30 21.37
C ASN A 530 16.55 -7.45 21.47
N ALA A 531 15.85 -7.58 22.61
CA ALA A 531 14.87 -8.64 22.88
C ALA A 531 13.49 -8.39 22.28
N ILE A 532 13.19 -7.15 21.90
CA ILE A 532 11.85 -6.77 21.41
C ILE A 532 11.64 -7.27 19.98
N ASN A 533 10.56 -8.04 19.77
CA ASN A 533 10.23 -8.60 18.44
C ASN A 533 9.28 -7.70 17.63
N ASN A 534 8.66 -6.70 18.28
CA ASN A 534 7.76 -5.72 17.61
C ASN A 534 8.59 -5.06 16.48
N SER A 535 8.18 -5.31 15.22
CA SER A 535 8.90 -4.85 14.03
C SER A 535 9.14 -3.33 13.98
N GLU A 536 8.15 -2.52 14.37
CA GLU A 536 8.29 -1.03 14.35
C GLU A 536 9.37 -0.58 15.34
N ILE A 537 9.31 -1.10 16.60
CA ILE A 537 10.28 -0.78 17.62
C ILE A 537 11.67 -1.30 17.20
N ARG A 538 11.74 -2.58 16.78
CA ARG A 538 13.02 -3.19 16.42
C ARG A 538 13.69 -2.42 15.27
N PHE A 539 12.90 -2.04 14.26
CA PHE A 539 13.40 -1.25 13.14
C PHE A 539 14.03 0.07 13.62
N ARG A 540 13.32 0.86 14.46
CA ARG A 540 13.86 2.16 14.90
C ARG A 540 15.09 2.00 15.77
N TRP A 541 15.08 0.99 16.64
CA TRP A 541 16.20 0.68 17.52
C TRP A 541 17.41 0.26 16.69
N LEU A 542 17.23 -0.60 15.67
CA LEU A 542 18.37 -1.01 14.83
C LEU A 542 18.95 0.18 14.01
N ARG A 543 18.07 1.05 13.51
CA ARG A 543 18.52 2.25 12.78
C ARG A 543 19.33 3.14 13.72
N LEU A 544 18.86 3.29 14.96
CA LEU A 544 19.56 4.12 15.97
C LEU A 544 20.95 3.55 16.26
N CYS A 545 21.05 2.22 16.41
CA CYS A 545 22.35 1.54 16.64
C CYS A 545 23.32 1.71 15.48
N ILE A 546 22.83 1.50 14.24
CA ILE A 546 23.66 1.60 13.04
C ILE A 546 24.12 3.03 12.80
N GLN A 547 23.17 3.99 12.87
CA GLN A 547 23.53 5.39 12.71
C GLN A 547 24.47 5.87 13.84
N SER A 548 24.44 5.23 15.04
CA SER A 548 25.35 5.55 16.15
C SER A 548 26.65 4.73 16.11
N LYS A 549 26.84 3.98 15.00
CA LYS A 549 28.06 3.21 14.70
C LYS A 549 28.39 2.07 15.64
N TRP A 550 27.35 1.31 16.05
CA TRP A 550 27.55 0.14 16.92
C TRP A 550 27.71 -1.08 16.01
N GLU A 551 28.93 -1.59 15.88
CA GLU A 551 29.27 -2.73 15.03
C GLU A 551 28.50 -4.00 15.37
N ASP A 552 28.16 -4.21 16.67
CA ASP A 552 27.40 -5.37 17.14
C ASP A 552 26.01 -5.40 16.52
N ALA A 553 25.47 -4.24 16.15
CA ALA A 553 24.14 -4.16 15.54
C ALA A 553 24.13 -4.57 14.05
N ILE A 554 25.32 -4.67 13.42
CA ILE A 554 25.41 -5.02 12.00
C ILE A 554 24.72 -6.36 11.68
N PRO A 555 25.03 -7.53 12.32
CA PRO A 555 24.33 -8.77 11.95
C PRO A 555 22.83 -8.73 12.22
N LEU A 556 22.40 -7.93 13.22
CA LEU A 556 20.97 -7.79 13.53
C LEU A 556 20.25 -7.02 12.44
N ALA A 557 20.85 -5.91 11.98
CA ALA A 557 20.24 -5.05 10.95
C ALA A 557 20.20 -5.78 9.61
N LEU A 558 21.27 -6.54 9.26
CA LEU A 558 21.27 -7.30 8.00
C LEU A 558 20.21 -8.39 8.02
N LYS A 559 20.07 -9.12 9.16
CA LYS A 559 19.07 -10.18 9.32
C LYS A 559 17.68 -9.57 9.20
N MET A 560 17.42 -8.43 9.87
CA MET A 560 16.09 -7.84 9.71
C MET A 560 15.82 -7.39 8.28
N ALA A 561 16.82 -6.75 7.62
CA ALA A 561 16.64 -6.25 6.25
C ALA A 561 16.35 -7.37 5.25
N THR A 562 16.79 -8.61 5.55
CA THR A 562 16.65 -9.76 4.64
C THR A 562 15.62 -10.80 4.98
N GLU A 563 15.32 -11.03 6.27
CA GLU A 563 14.34 -12.06 6.70
C GLU A 563 12.90 -11.60 6.46
N GLN A 564 12.73 -10.31 6.19
CA GLN A 564 11.45 -9.72 5.79
C GLN A 564 11.75 -8.71 4.68
N GLY A 565 10.73 -8.29 3.93
CA GLY A 565 10.93 -7.40 2.81
C GLY A 565 10.02 -6.22 2.76
N ARG A 566 9.38 -5.87 3.91
CA ARG A 566 8.49 -4.70 3.91
C ARG A 566 9.39 -3.50 3.66
N MET A 567 9.13 -2.75 2.57
CA MET A 567 9.98 -1.66 2.15
C MET A 567 10.23 -0.57 3.18
N LYS A 568 9.22 -0.30 4.02
CA LYS A 568 9.29 0.66 5.13
C LYS A 568 10.50 0.36 6.02
N PHE A 569 10.82 -0.94 6.17
CA PHE A 569 11.91 -1.42 6.99
C PHE A 569 13.15 -1.76 6.18
N THR A 570 13.02 -2.57 5.11
CA THR A 570 14.16 -3.01 4.30
C THR A 570 14.97 -1.86 3.66
N ARG A 571 14.29 -0.90 3.03
CA ARG A 571 15.00 0.21 2.38
C ARG A 571 15.85 1.06 3.36
N PRO A 572 15.31 1.59 4.48
CA PRO A 572 16.16 2.40 5.40
C PRO A 572 17.27 1.58 6.06
N LEU A 573 17.00 0.28 6.36
CA LEU A 573 18.03 -0.58 6.96
C LEU A 573 19.23 -0.75 6.01
N PHE A 574 18.97 -1.06 4.73
CA PHE A 574 20.06 -1.17 3.75
C PHE A 574 20.80 0.18 3.55
N LYS A 575 20.06 1.32 3.51
CA LYS A 575 20.67 2.66 3.33
C LYS A 575 21.57 3.00 4.52
N ASP A 576 21.11 2.75 5.76
CA ASP A 576 21.89 2.98 6.99
C ASP A 576 23.13 2.08 7.01
N LEU A 577 22.96 0.78 6.68
CA LEU A 577 24.07 -0.19 6.58
C LEU A 577 25.09 0.21 5.49
N ALA A 578 24.64 0.76 4.34
CA ALA A 578 25.55 1.25 3.29
C ALA A 578 26.27 2.55 3.74
N ALA A 579 25.61 3.40 4.58
CA ALA A 579 26.21 4.67 5.06
C ALA A 579 27.26 4.44 6.17
N PHE A 580 27.20 3.30 6.85
CA PHE A 580 28.16 2.93 7.90
C PHE A 580 29.35 2.21 7.23
N ASP A 581 30.56 2.82 7.29
CA ASP A 581 31.79 2.30 6.69
C ASP A 581 32.06 0.85 7.04
N LYS A 582 31.84 0.46 8.32
CA LYS A 582 32.06 -0.92 8.80
C LYS A 582 31.15 -1.97 8.15
N SER A 583 29.93 -1.58 7.74
CA SER A 583 28.98 -2.52 7.11
C SER A 583 28.75 -2.32 5.62
N HIS A 584 29.30 -1.23 5.02
CA HIS A 584 29.06 -0.88 3.60
C HIS A 584 29.20 -2.07 2.65
N ASP A 585 30.37 -2.74 2.66
CA ASP A 585 30.63 -3.90 1.79
C ASP A 585 29.66 -5.06 2.02
N GLN A 586 29.37 -5.40 3.29
CA GLN A 586 28.42 -6.46 3.66
C GLN A 586 27.03 -6.14 3.13
N ALA A 587 26.61 -4.85 3.22
CA ALA A 587 25.27 -4.43 2.74
C ALA A 587 25.15 -4.68 1.25
N VAL A 588 26.17 -4.26 0.48
CA VAL A 588 26.23 -4.42 -0.98
C VAL A 588 26.23 -5.91 -1.37
N ARG A 589 27.09 -6.72 -0.71
CA ARG A 589 27.19 -8.17 -0.97
C ARG A 589 25.89 -8.91 -0.67
N THR A 590 25.24 -8.55 0.45
CA THR A 590 23.99 -9.14 0.92
C THR A 590 22.88 -8.84 -0.08
N TYR A 591 22.79 -7.58 -0.53
CA TYR A 591 21.82 -7.22 -1.56
C TYR A 591 22.07 -8.07 -2.82
N GLN A 592 23.33 -8.10 -3.30
CA GLN A 592 23.75 -8.87 -4.48
C GLN A 592 23.35 -10.34 -4.42
N GLU A 593 23.57 -11.00 -3.26
CA GLU A 593 23.23 -12.42 -3.10
C GLU A 593 21.72 -12.70 -2.99
N HIS A 594 20.95 -11.73 -2.48
CA HIS A 594 19.48 -11.84 -2.27
C HIS A 594 18.61 -11.33 -3.42
N LYS A 595 19.14 -10.42 -4.26
CA LYS A 595 18.48 -9.73 -5.37
C LYS A 595 17.56 -10.63 -6.24
N ALA A 596 18.10 -11.78 -6.72
CA ALA A 596 17.38 -12.74 -7.57
C ALA A 596 16.09 -13.27 -6.91
N SER A 597 16.10 -13.36 -5.57
CA SER A 597 15.04 -13.88 -4.70
C SER A 597 14.14 -12.81 -4.07
N MET A 598 14.38 -11.52 -4.38
CA MET A 598 13.59 -10.43 -3.79
C MET A 598 12.37 -10.15 -4.65
N HIS A 599 11.40 -9.40 -4.09
CA HIS A 599 10.24 -8.90 -4.81
C HIS A 599 10.81 -7.99 -5.91
N PRO A 600 10.31 -8.00 -7.16
CA PRO A 600 10.94 -7.17 -8.21
C PRO A 600 10.99 -5.66 -7.91
N VAL A 601 9.95 -5.09 -7.31
CA VAL A 601 9.94 -3.65 -7.00
C VAL A 601 10.96 -3.33 -5.88
N THR A 602 10.95 -4.12 -4.81
CA THR A 602 11.91 -3.98 -3.71
C THR A 602 13.36 -4.09 -4.22
N ALA A 603 13.65 -5.11 -5.09
CA ALA A 603 15.00 -5.30 -5.66
C ALA A 603 15.43 -4.02 -6.42
N MET A 604 14.49 -3.46 -7.23
CA MET A 604 14.78 -2.25 -8.02
C MET A 604 15.10 -1.05 -7.13
N LEU A 605 14.26 -0.78 -6.12
CA LEU A 605 14.42 0.36 -5.22
C LEU A 605 15.62 0.27 -4.30
N VAL A 606 15.90 -0.95 -3.74
CA VAL A 606 17.07 -1.16 -2.87
C VAL A 606 18.34 -0.94 -3.72
N GLY A 607 18.31 -1.43 -4.96
CA GLY A 607 19.38 -1.23 -5.93
C GLY A 607 19.69 0.24 -6.19
N LYS A 608 18.64 1.05 -6.44
CA LYS A 608 18.78 2.50 -6.62
C LYS A 608 19.33 3.19 -5.37
N ASP A 609 18.80 2.82 -4.18
CA ASP A 609 19.22 3.38 -2.89
C ASP A 609 20.72 3.14 -2.62
N LEU A 610 21.20 1.93 -2.95
CA LEU A 610 22.59 1.48 -2.75
C LEU A 610 23.53 1.90 -3.89
N LYS A 611 22.98 2.37 -5.03
CA LYS A 611 23.71 2.72 -6.25
C LYS A 611 24.42 1.49 -6.80
N VAL A 612 23.70 0.35 -6.77
CA VAL A 612 24.14 -0.94 -7.27
C VAL A 612 23.24 -1.29 -8.46
N ASP A 613 23.83 -1.35 -9.65
CA ASP A 613 23.11 -1.67 -10.91
C ASP A 613 23.03 -3.19 -11.16
ZN ZN B . -3.38 3.68 2.32
C ACT C . 29.47 16.53 32.47
O ACT C . 28.67 17.41 32.86
OXT ACT C . 29.54 15.37 32.93
CH3 ACT C . 30.42 16.90 31.31
YB YB D . 27.89 15.74 34.73
YB YB E . -22.47 -18.20 -6.87
YB YB F . -17.25 26.00 -6.47
N1 IMD G . 8.30 10.15 13.88
C2 IMD G . 7.47 10.13 14.91
N3 IMD G . 7.88 10.99 15.81
C4 IMD G . 9.03 11.58 15.36
C5 IMD G . 9.29 11.06 14.15
N1 IMD H . 3.24 0.79 17.54
C2 IMD H . 2.89 0.00 18.53
N3 IMD H . 3.96 -0.62 18.98
C4 IMD H . 5.03 -0.21 18.25
C5 IMD H . 4.59 0.67 17.35
C1 RZB I . 1.60 9.06 -6.34
C2 RZB I . 2.36 9.53 -5.28
C3 RZB I . 3.28 8.67 -4.72
C11 RZB I . 1.73 2.57 -3.96
C12 RZB I . 1.10 3.80 -3.92
C13 RZB I . 1.46 4.78 -4.80
C14 RZB I . 1.36 1.49 -2.96
C20 RZB I . 0.20 0.60 0.15
C21 RZB I . -1.27 0.17 0.11
C23 RZB I . -1.91 0.11 1.50
C24 RZB I . -1.87 1.34 2.35
C4 RZB I . 3.41 7.36 -5.12
C5 RZB I . 2.63 6.87 -6.18
C6 RZB I . 1.73 7.74 -6.77
O7 RZB I . 2.76 5.59 -6.60
C8 RZB I . 2.47 4.59 -5.73
C9 RZB I . 3.11 3.36 -5.77
C10 RZB I . 2.75 2.38 -4.89
N15 RZB I . 1.48 0.08 -3.08
N16 RZB I . 1.06 -0.32 -1.94
N17 RZB I . 0.73 0.66 -1.18
N18 RZB I . 0.92 1.73 -1.84
CL1 RZB I . 2.23 11.13 -4.66
N22 RZB I . -2.11 0.99 -0.75
O25 RZB I . -1.42 2.40 1.76
O26 RZB I . -2.18 1.30 3.49
#